data_3NH9
#
_entry.id   3NH9
#
_cell.length_a   57.152
_cell.length_b   65.626
_cell.length_c   69.522
_cell.angle_alpha   90.00
_cell.angle_beta   90.00
_cell.angle_gamma   90.00
#
_symmetry.space_group_name_H-M   'P 21 21 21'
#
loop_
_entity.id
_entity.type
_entity.pdbx_description
1 polymer 'ATP-binding cassette sub-family B member 6, mitochondrial'
2 non-polymer "ADENOSINE-5'-TRIPHOSPHATE"
3 non-polymer BETA-MERCAPTOETHANOL
4 water water
#
_entity_poly.entity_id   1
_entity_poly.type   'polypeptide(L)'
_entity_poly.pdbx_seq_one_letter_code
;MGSSHHHHHHSSGLVPRGSHMFIDMENMFDLLKEETEVKDLPGAGPLRFQKGRIEFENVHFSYADGRETLQDVSFTVMPG
QTLALVGPSGAGKSTILRLLFRFYDISSGCIRIDGQDISQVTQASLRSHIGVVPQDTVLFNDTIADNIRYGRVTAGNDEV
EAAAQAAGIHDAIMAFPEGYRTQVGERGLKLSGGEKQRVAIARTILKAPGIILLDEATSALDTSNERAIQASLAKVCANR
TTIVVAHRLSTVVNADQILVIKDGCIVERGRHEALLSRGGVYADMWQLQQGQEETSEDTKPQTMER
;
_entity_poly.pdbx_strand_id   A
#
loop_
_chem_comp.id
_chem_comp.type
_chem_comp.name
_chem_comp.formula
ATP non-polymer ADENOSINE-5'-TRIPHOSPHATE 'C10 H16 N5 O13 P3'
BME non-polymer BETA-MERCAPTOETHANOL 'C2 H6 O S'
#
# COMPACT_ATOMS: atom_id res chain seq x y z
N HIS A 20 -8.13 -34.82 24.01
CA HIS A 20 -7.53 -34.70 22.65
C HIS A 20 -7.59 -36.04 21.92
N MET A 21 -8.17 -37.05 22.57
CA MET A 21 -8.40 -38.30 21.84
C MET A 21 -9.53 -38.19 20.79
N PHE A 22 -10.33 -37.14 20.89
CA PHE A 22 -11.43 -36.97 19.94
C PHE A 22 -11.14 -35.87 18.90
N ILE A 23 -9.91 -35.44 18.81
CA ILE A 23 -9.56 -34.42 17.84
C ILE A 23 -9.36 -35.11 16.47
N ASP A 24 -9.78 -34.45 15.42
CA ASP A 24 -9.61 -34.94 14.08
C ASP A 24 -8.40 -34.22 13.47
N MET A 25 -7.34 -35.00 13.27
CA MET A 25 -6.08 -34.50 12.81
C MET A 25 -6.22 -33.80 11.46
N GLU A 26 -7.05 -34.37 10.56
CA GLU A 26 -7.28 -33.75 9.25
C GLU A 26 -7.89 -32.37 9.40
N ASN A 27 -8.83 -32.21 10.32
CA ASN A 27 -9.36 -30.89 10.60
C ASN A 27 -8.29 -29.93 11.15
N MET A 28 -7.34 -30.46 11.97
CA MET A 28 -6.25 -29.58 12.44
C MET A 28 -5.38 -29.10 11.26
N PHE A 29 -5.19 -29.96 10.26
CA PHE A 29 -4.31 -29.59 9.16
C PHE A 29 -5.04 -28.58 8.26
N ASP A 30 -6.35 -28.79 8.11
CA ASP A 30 -7.22 -27.89 7.33
C ASP A 30 -7.16 -26.50 7.97
N LEU A 31 -7.29 -26.44 9.30
CA LEU A 31 -7.20 -25.16 10.01
C LEU A 31 -5.84 -24.49 9.87
N LEU A 32 -4.77 -25.28 9.95
CA LEU A 32 -3.44 -24.72 9.70
C LEU A 32 -3.33 -24.16 8.28
N LYS A 33 -3.90 -24.88 7.31
CA LYS A 33 -3.82 -24.51 5.88
C LYS A 33 -4.52 -23.17 5.62
N GLU A 34 -5.69 -23.01 6.23
CA GLU A 34 -6.46 -21.79 6.17
C GLU A 34 -5.71 -20.56 6.72
N GLU A 35 -4.66 -20.78 7.51
CA GLU A 35 -3.87 -19.67 8.08
C GLU A 35 -3.01 -18.99 7.04
N THR A 36 -2.57 -19.71 6.02
CA THR A 36 -1.78 -19.06 4.98
C THR A 36 -2.35 -19.26 3.58
N GLU A 37 -3.66 -19.45 3.48
CA GLU A 37 -4.28 -19.59 2.18
C GLU A 37 -5.53 -18.77 2.13
N VAL A 38 -5.83 -18.28 0.93
CA VAL A 38 -6.92 -17.38 0.72
C VAL A 38 -7.65 -17.87 -0.52
N LYS A 39 -8.90 -18.25 -0.33
CA LYS A 39 -9.69 -18.77 -1.39
C LYS A 39 -10.87 -17.86 -1.68
N ASP A 40 -11.26 -17.82 -2.94
CA ASP A 40 -12.43 -17.09 -3.30
C ASP A 40 -13.57 -17.92 -2.82
N LEU A 41 -14.66 -17.31 -2.39
CA LEU A 41 -15.87 -18.08 -2.07
C LEU A 41 -16.44 -18.74 -3.30
N PRO A 42 -17.13 -19.89 -3.11
CA PRO A 42 -17.95 -20.45 -4.20
C PRO A 42 -18.99 -19.43 -4.68
N GLY A 43 -18.95 -19.11 -5.97
CA GLY A 43 -19.89 -18.18 -6.57
C GLY A 43 -19.63 -16.70 -6.32
N ALA A 44 -18.53 -16.38 -5.65
CA ALA A 44 -18.18 -15.00 -5.35
C ALA A 44 -18.20 -14.15 -6.62
N GLY A 45 -18.72 -12.92 -6.51
CA GLY A 45 -18.68 -11.99 -7.63
C GLY A 45 -17.50 -11.04 -7.63
N PRO A 46 -17.39 -10.23 -8.68
CA PRO A 46 -16.50 -9.08 -8.63
C PRO A 46 -16.88 -8.05 -7.58
N LEU A 47 -15.88 -7.38 -7.00
CA LEU A 47 -16.14 -6.24 -6.14
C LEU A 47 -16.84 -5.18 -6.97
N ARG A 48 -17.89 -4.58 -6.45
CA ARG A 48 -18.53 -3.51 -7.20
C ARG A 48 -17.90 -2.26 -6.62
N PHE A 49 -16.82 -1.85 -7.25
CA PHE A 49 -16.03 -0.76 -6.78
C PHE A 49 -16.68 0.52 -7.22
N GLN A 50 -16.92 1.44 -6.32
CA GLN A 50 -17.42 2.72 -6.80
C GLN A 50 -16.59 3.94 -6.41
N LYS A 51 -16.38 4.20 -5.13
CA LYS A 51 -15.67 5.42 -4.80
C LYS A 51 -14.40 5.06 -4.05
N GLY A 52 -14.32 3.82 -3.59
CA GLY A 52 -13.21 3.32 -2.79
C GLY A 52 -13.23 3.65 -1.31
N ARG A 53 -14.38 3.62 -0.65
CA ARG A 53 -14.39 3.83 0.77
C ARG A 53 -13.83 2.55 1.41
N ILE A 54 -12.97 2.70 2.42
CA ILE A 54 -12.42 1.55 3.12
C ILE A 54 -12.89 1.51 4.56
N GLU A 55 -13.37 0.35 5.02
CA GLU A 55 -13.70 0.20 6.45
C GLU A 55 -13.05 -1.03 7.04
N PHE A 56 -12.37 -0.87 8.18
CA PHE A 56 -11.98 -2.03 9.01
C PHE A 56 -12.94 -1.91 10.13
N GLU A 57 -13.60 -3.01 10.44
CA GLU A 57 -14.53 -3.06 11.56
C GLU A 57 -14.09 -4.18 12.51
N ASN A 58 -13.62 -3.77 13.69
CA ASN A 58 -13.24 -4.66 14.82
C ASN A 58 -12.33 -5.83 14.40
N VAL A 59 -11.28 -5.53 13.65
CA VAL A 59 -10.53 -6.57 12.96
C VAL A 59 -9.60 -7.18 13.96
N HIS A 60 -9.68 -8.49 14.10
CA HIS A 60 -8.63 -9.22 14.81
C HIS A 60 -7.86 -10.07 13.78
N PHE A 61 -6.56 -10.12 13.90
CA PHE A 61 -5.74 -10.89 12.98
C PHE A 61 -4.49 -11.39 13.65
N SER A 62 -4.17 -12.66 13.37
CA SER A 62 -2.98 -13.35 13.84
C SER A 62 -2.25 -13.98 12.66
N TYR A 63 -0.94 -13.76 12.57
CA TYR A 63 -0.17 -14.44 11.54
C TYR A 63 -0.07 -15.94 11.83
N ALA A 64 0.46 -16.34 12.97
CA ALA A 64 0.77 -17.77 13.10
C ALA A 64 0.01 -18.47 14.23
N ASP A 65 -1.13 -17.88 14.63
CA ASP A 65 -1.98 -18.49 15.70
C ASP A 65 -1.31 -18.52 17.10
N GLY A 66 -0.27 -17.71 17.31
CA GLY A 66 0.33 -17.62 18.64
C GLY A 66 -0.29 -16.45 19.40
N ARG A 67 -0.49 -15.35 18.66
CA ARG A 67 -0.59 -14.02 19.26
C ARG A 67 -1.15 -12.96 18.30
N GLU A 68 -1.87 -12.01 18.88
CA GLU A 68 -2.66 -11.08 18.12
C GLU A 68 -1.85 -9.96 17.56
N THR A 69 -1.75 -9.94 16.25
CA THR A 69 -0.99 -8.92 15.58
C THR A 69 -1.84 -7.67 15.37
N LEU A 70 -3.14 -7.85 15.15
CA LEU A 70 -4.08 -6.68 15.18
C LEU A 70 -5.21 -7.02 16.12
N GLN A 71 -5.53 -6.06 16.99
CA GLN A 71 -6.49 -6.24 18.05
C GLN A 71 -7.65 -5.25 17.97
N ASP A 72 -8.82 -5.74 17.56
CA ASP A 72 -10.02 -4.92 17.47
C ASP A 72 -9.74 -3.64 16.66
N VAL A 73 -9.29 -3.75 15.42
CA VAL A 73 -8.84 -2.56 14.70
C VAL A 73 -10.02 -2.04 13.86
N SER A 74 -10.48 -0.82 14.21
CA SER A 74 -11.54 -0.16 13.43
C SER A 74 -11.13 1.21 12.94
N PHE A 75 -11.42 1.46 11.66
CA PHE A 75 -11.25 2.78 11.09
C PHE A 75 -11.99 2.88 9.77
N THR A 76 -12.19 4.11 9.35
CA THR A 76 -12.81 4.43 8.04
C THR A 76 -11.90 5.35 7.24
N VAL A 77 -11.73 5.02 5.97
CA VAL A 77 -11.13 6.01 5.03
C VAL A 77 -12.20 6.37 4.05
N MET A 78 -12.66 7.61 4.10
CA MET A 78 -13.68 8.01 3.14
C MET A 78 -13.03 8.14 1.74
N PRO A 79 -13.84 8.06 0.65
CA PRO A 79 -13.29 8.08 -0.72
C PRO A 79 -12.35 9.25 -0.96
N GLY A 80 -11.15 8.92 -1.47
CA GLY A 80 -10.14 9.90 -1.88
C GLY A 80 -9.33 10.50 -0.73
N GLN A 81 -9.58 10.08 0.50
CA GLN A 81 -8.86 10.63 1.63
C GLN A 81 -7.59 9.81 1.84
N THR A 82 -6.64 10.36 2.59
CA THR A 82 -5.39 9.68 2.86
CA THR A 82 -5.39 9.66 2.83
C THR A 82 -5.36 9.26 4.31
N LEU A 83 -4.89 8.06 4.59
CA LEU A 83 -4.74 7.59 5.99
C LEU A 83 -3.28 7.20 6.22
N ALA A 84 -2.61 7.75 7.24
CA ALA A 84 -1.24 7.48 7.49
C ALA A 84 -1.19 6.61 8.74
N LEU A 85 -0.44 5.52 8.70
CA LEU A 85 -0.33 4.60 9.86
C LEU A 85 1.04 4.84 10.41
N VAL A 86 1.11 5.13 11.69
CA VAL A 86 2.38 5.39 12.31
C VAL A 86 2.39 4.68 13.64
N GLY A 87 3.56 4.66 14.24
CA GLY A 87 3.67 4.00 15.52
C GLY A 87 5.00 3.28 15.49
N PRO A 88 5.32 2.57 16.61
CA PRO A 88 6.61 1.88 16.71
C PRO A 88 6.67 0.61 15.86
N SER A 89 7.84 -0.01 15.86
CA SER A 89 8.09 -1.27 15.19
C SER A 89 7.14 -2.35 15.67
N GLY A 90 6.80 -3.25 14.76
CA GLY A 90 5.96 -4.39 15.05
C GLY A 90 4.51 -4.11 15.40
N ALA A 91 4.01 -2.94 15.01
CA ALA A 91 2.69 -2.52 15.46
C ALA A 91 1.52 -3.14 14.70
N GLY A 92 1.76 -3.56 13.43
CA GLY A 92 0.72 -4.09 12.55
C GLY A 92 0.43 -3.16 11.35
N LYS A 93 1.30 -2.19 11.09
CA LYS A 93 0.97 -1.20 10.00
C LYS A 93 0.92 -1.81 8.61
N SER A 94 2.00 -2.44 8.21
CA SER A 94 2.06 -3.19 6.95
C SER A 94 1.05 -4.30 6.93
N THR A 95 0.85 -4.99 8.06
CA THR A 95 -0.25 -5.95 8.20
C THR A 95 -1.59 -5.37 7.69
N ILE A 96 -1.89 -4.12 8.03
CA ILE A 96 -3.15 -3.55 7.54
C ILE A 96 -3.22 -3.50 6.01
N LEU A 97 -2.10 -3.18 5.37
CA LEU A 97 -2.07 -3.20 3.89
C LEU A 97 -2.22 -4.62 3.36
N ARG A 98 -1.56 -5.60 4.01
CA ARG A 98 -1.58 -6.95 3.49
C ARG A 98 -2.98 -7.49 3.63
N LEU A 99 -3.67 -7.04 4.67
CA LEU A 99 -5.03 -7.57 4.88
C LEU A 99 -5.97 -6.94 3.85
N LEU A 100 -5.75 -5.67 3.54
CA LEU A 100 -6.58 -5.02 2.53
C LEU A 100 -6.43 -5.64 1.15
N PHE A 101 -5.25 -6.18 0.84
CA PHE A 101 -5.01 -6.85 -0.42
C PHE A 101 -5.47 -8.32 -0.29
N ARG A 102 -6.05 -8.64 0.88
CA ARG A 102 -6.40 -9.98 1.27
C ARG A 102 -5.26 -10.96 1.00
N PHE A 103 -4.05 -10.63 1.48
CA PHE A 103 -2.96 -11.62 1.51
C PHE A 103 -3.33 -12.72 2.49
N TYR A 104 -4.05 -12.34 3.55
CA TYR A 104 -4.57 -13.32 4.52
C TYR A 104 -6.03 -13.05 4.81
N ASP A 105 -6.71 -14.06 5.33
CA ASP A 105 -8.03 -13.91 5.92
C ASP A 105 -7.91 -13.46 7.37
N ILE A 106 -8.88 -12.68 7.82
CA ILE A 106 -8.82 -12.14 9.20
C ILE A 106 -9.56 -13.10 10.10
N SER A 107 -9.41 -12.99 11.41
CA SER A 107 -10.08 -13.98 12.25
C SER A 107 -11.42 -13.56 12.84
N SER A 108 -11.63 -12.26 13.05
CA SER A 108 -12.99 -11.71 13.23
C SER A 108 -13.00 -10.22 12.82
N GLY A 109 -14.19 -9.61 12.87
CA GLY A 109 -14.39 -8.27 12.34
C GLY A 109 -14.58 -8.37 10.84
N CYS A 110 -14.50 -7.24 10.13
CA CYS A 110 -14.79 -7.25 8.69
C CYS A 110 -13.98 -6.16 8.03
N ILE A 111 -13.52 -6.46 6.82
CA ILE A 111 -12.92 -5.42 6.01
C ILE A 111 -13.78 -5.18 4.80
N ARG A 112 -14.14 -3.91 4.58
CA ARG A 112 -15.11 -3.64 3.49
C ARG A 112 -14.56 -2.60 2.57
N ILE A 113 -14.86 -2.72 1.30
CA ILE A 113 -14.57 -1.63 0.39
C ILE A 113 -15.88 -1.23 -0.21
N ASP A 114 -16.22 0.06 -0.11
CA ASP A 114 -17.55 0.51 -0.56
C ASP A 114 -18.64 -0.43 -0.02
N GLY A 115 -18.52 -0.76 1.27
CA GLY A 115 -19.53 -1.55 1.95
C GLY A 115 -19.50 -3.05 1.69
N GLN A 116 -18.62 -3.53 0.84
CA GLN A 116 -18.57 -4.97 0.54
C GLN A 116 -17.42 -5.66 1.23
N ASP A 117 -17.76 -6.66 2.04
CA ASP A 117 -16.80 -7.51 2.70
C ASP A 117 -15.84 -8.04 1.66
N ILE A 118 -14.56 -7.73 1.78
CA ILE A 118 -13.62 -8.15 0.73
C ILE A 118 -13.35 -9.69 0.63
N SER A 119 -13.79 -10.44 1.65
CA SER A 119 -13.51 -11.86 1.72
C SER A 119 -14.59 -12.55 0.96
N GLN A 120 -15.58 -11.77 0.48
CA GLN A 120 -16.72 -12.34 -0.22
C GLN A 120 -16.65 -12.06 -1.73
N VAL A 121 -15.60 -11.40 -2.21
CA VAL A 121 -15.52 -11.15 -3.65
C VAL A 121 -14.35 -11.92 -4.24
N THR A 122 -14.23 -11.93 -5.55
CA THR A 122 -13.06 -12.58 -6.17
C THR A 122 -11.83 -11.77 -5.81
N GLN A 123 -10.79 -12.48 -5.40
CA GLN A 123 -9.59 -11.77 -5.02
C GLN A 123 -8.93 -11.11 -6.25
N ALA A 124 -9.12 -11.67 -7.44
CA ALA A 124 -8.66 -11.00 -8.67
C ALA A 124 -9.29 -9.62 -8.82
N SER A 125 -10.62 -9.53 -8.64
CA SER A 125 -11.32 -8.25 -8.75
C SER A 125 -10.93 -7.29 -7.63
N LEU A 126 -10.78 -7.80 -6.42
CA LEU A 126 -10.31 -6.97 -5.33
C LEU A 126 -9.01 -6.22 -5.70
N ARG A 127 -7.96 -7.00 -5.97
CA ARG A 127 -6.62 -6.48 -6.32
C ARG A 127 -6.59 -5.60 -7.56
N SER A 128 -7.51 -5.81 -8.49
CA SER A 128 -7.53 -4.95 -9.66
C SER A 128 -7.82 -3.49 -9.29
N HIS A 129 -8.34 -3.24 -8.10
CA HIS A 129 -8.73 -1.89 -7.72
C HIS A 129 -7.68 -1.21 -6.82
N ILE A 130 -6.63 -1.96 -6.53
CA ILE A 130 -5.66 -1.56 -5.52
C ILE A 130 -4.26 -1.55 -6.07
N GLY A 131 -3.62 -0.40 -5.97
CA GLY A 131 -2.28 -0.22 -6.46
C GLY A 131 -1.36 -0.17 -5.29
N VAL A 132 -0.28 -0.94 -5.35
CA VAL A 132 0.71 -0.95 -4.27
C VAL A 132 2.01 -0.34 -4.74
N VAL A 133 2.49 0.67 -4.00
CA VAL A 133 3.85 1.20 -4.10
C VAL A 133 4.65 0.70 -2.89
N PRO A 134 5.44 -0.38 -3.07
CA PRO A 134 6.19 -0.93 -1.96
C PRO A 134 7.41 -0.07 -1.66
N GLN A 135 8.10 -0.39 -0.58
CA GLN A 135 9.27 0.35 -0.15
C GLN A 135 10.31 0.53 -1.25
N ASP A 136 10.65 -0.58 -1.89
CA ASP A 136 11.68 -0.57 -2.92
C ASP A 136 11.11 -1.11 -4.21
N THR A 137 11.66 -0.65 -5.31
CA THR A 137 11.11 -1.04 -6.60
C THR A 137 11.87 -2.22 -7.17
N VAL A 138 11.16 -3.29 -7.45
CA VAL A 138 11.77 -4.47 -8.10
C VAL A 138 11.84 -4.19 -9.60
N LEU A 139 13.05 -4.21 -10.17
CA LEU A 139 13.24 -4.15 -11.61
C LEU A 139 13.52 -5.54 -12.24
N PHE A 140 12.80 -5.89 -13.29
CA PHE A 140 13.08 -7.15 -13.98
C PHE A 140 14.08 -6.95 -15.12
N ASN A 141 14.90 -7.96 -15.37
CA ASN A 141 15.76 -8.02 -16.56
C ASN A 141 14.90 -8.08 -17.80
N ASP A 142 14.44 -6.93 -18.23
CA ASP A 142 13.53 -6.84 -19.36
C ASP A 142 13.58 -5.37 -19.82
N THR A 143 12.88 -5.05 -20.90
CA THR A 143 12.88 -3.67 -21.38
C THR A 143 12.24 -2.74 -20.29
N ILE A 144 12.64 -1.47 -20.29
CA ILE A 144 11.99 -0.50 -19.46
C ILE A 144 10.48 -0.49 -19.70
N ALA A 145 10.04 -0.57 -20.97
CA ALA A 145 8.58 -0.65 -21.23
C ALA A 145 7.90 -1.83 -20.48
N ASP A 146 8.47 -3.01 -20.55
CA ASP A 146 7.88 -4.20 -19.91
C ASP A 146 7.94 -4.05 -18.41
N ASN A 147 8.97 -3.36 -17.94
CA ASN A 147 9.05 -3.09 -16.50
C ASN A 147 7.94 -2.17 -16.01
N ILE A 148 7.46 -1.26 -16.86
CA ILE A 148 6.37 -0.39 -16.49
C ILE A 148 5.04 -1.12 -16.62
N ARG A 149 4.91 -1.85 -17.73
CA ARG A 149 3.79 -2.74 -18.07
C ARG A 149 3.47 -3.72 -16.94
N TYR A 150 4.45 -4.04 -16.12
CA TYR A 150 4.23 -4.90 -14.98
C TYR A 150 3.01 -4.44 -14.15
N GLY A 151 2.76 -3.12 -14.09
CA GLY A 151 1.58 -2.55 -13.41
C GLY A 151 0.21 -2.99 -13.93
N ARG A 152 0.16 -3.42 -15.20
CA ARG A 152 -1.03 -4.00 -15.83
C ARG A 152 -0.63 -4.67 -17.15
N VAL A 153 -0.29 -5.96 -17.09
CA VAL A 153 0.39 -6.67 -18.17
C VAL A 153 -0.36 -6.63 -19.51
N THR A 154 -1.69 -6.48 -19.48
CA THR A 154 -2.52 -6.41 -20.71
C THR A 154 -2.33 -5.07 -21.41
N ALA A 155 -1.74 -4.10 -20.72
CA ALA A 155 -1.64 -2.71 -21.22
C ALA A 155 -0.74 -2.54 -22.47
N GLY A 156 -1.19 -1.69 -23.39
CA GLY A 156 -0.49 -1.42 -24.65
C GLY A 156 0.71 -0.48 -24.50
N ASN A 157 1.56 -0.44 -25.52
CA ASN A 157 2.68 0.46 -25.46
C ASN A 157 2.25 1.91 -25.29
N ASP A 158 1.10 2.27 -25.88
CA ASP A 158 0.59 3.65 -25.74
C ASP A 158 0.26 3.97 -24.28
N GLU A 159 -0.21 2.96 -23.56
CA GLU A 159 -0.58 3.14 -22.13
C GLU A 159 0.65 3.25 -21.25
N VAL A 160 1.62 2.37 -21.49
CA VAL A 160 2.93 2.40 -20.80
C VAL A 160 3.57 3.79 -21.01
N GLU A 161 3.58 4.25 -22.25
CA GLU A 161 4.22 5.53 -22.55
C GLU A 161 3.51 6.68 -21.85
N ALA A 162 2.19 6.71 -21.95
CA ALA A 162 1.39 7.66 -21.17
C ALA A 162 1.68 7.55 -19.66
N ALA A 163 1.81 6.32 -19.12
CA ALA A 163 2.10 6.18 -17.69
C ALA A 163 3.46 6.79 -17.37
N ALA A 164 4.46 6.52 -18.22
CA ALA A 164 5.81 7.05 -18.02
C ALA A 164 5.80 8.57 -18.04
N GLN A 165 5.02 9.11 -18.98
CA GLN A 165 4.93 10.54 -19.12
C GLN A 165 4.35 11.14 -17.84
N ALA A 166 3.27 10.56 -17.34
CA ALA A 166 2.66 11.09 -16.15
C ALA A 166 3.58 10.85 -14.97
N ALA A 167 4.33 9.74 -14.98
CA ALA A 167 5.37 9.51 -13.94
C ALA A 167 6.58 10.42 -14.08
N GLY A 168 6.68 11.17 -15.18
CA GLY A 168 7.81 12.05 -15.41
C GLY A 168 9.11 11.39 -15.91
N ILE A 169 9.04 10.20 -16.54
CA ILE A 169 10.27 9.56 -17.04
C ILE A 169 10.24 9.25 -18.53
N HIS A 170 9.22 9.72 -19.22
CA HIS A 170 9.13 9.55 -20.65
C HIS A 170 10.32 10.18 -21.39
N ASP A 171 10.65 11.43 -21.07
CA ASP A 171 11.76 12.10 -21.79
C ASP A 171 13.03 11.36 -21.51
N ALA A 172 13.21 10.97 -20.24
CA ALA A 172 14.42 10.20 -19.83
C ALA A 172 14.51 8.90 -20.61
N ILE A 173 13.39 8.19 -20.72
CA ILE A 173 13.39 6.95 -21.50
C ILE A 173 13.66 7.17 -22.99
N MET A 174 13.11 8.24 -23.56
CA MET A 174 13.28 8.54 -24.98
C MET A 174 14.76 8.76 -25.31
N ALA A 175 15.55 9.12 -24.31
CA ALA A 175 16.98 9.43 -24.47
C ALA A 175 17.84 8.17 -24.24
N PHE A 176 17.22 7.12 -23.68
CA PHE A 176 17.86 5.84 -23.45
C PHE A 176 18.39 5.29 -24.75
N PRO A 177 19.44 4.47 -24.70
CA PRO A 177 20.10 4.03 -25.95
C PRO A 177 19.15 3.28 -26.92
N GLU A 178 18.16 2.58 -26.38
CA GLU A 178 17.11 2.01 -27.25
C GLU A 178 15.67 2.43 -26.83
N GLY A 179 15.56 3.58 -26.18
CA GLY A 179 14.24 4.10 -25.83
C GLY A 179 13.52 3.09 -24.96
N TYR A 180 12.23 2.93 -25.23
CA TYR A 180 11.40 2.00 -24.49
C TYR A 180 11.83 0.52 -24.58
N ARG A 181 12.71 0.19 -25.54
CA ARG A 181 13.15 -1.19 -25.75
CA ARG A 181 13.14 -1.20 -25.73
C ARG A 181 14.45 -1.46 -24.98
N THR A 182 14.96 -0.44 -24.26
CA THR A 182 16.25 -0.57 -23.61
C THR A 182 16.13 -1.58 -22.48
N GLN A 183 17.01 -2.57 -22.46
CA GLN A 183 17.05 -3.51 -21.32
C GLN A 183 17.51 -2.80 -20.04
N VAL A 184 16.72 -2.94 -18.98
CA VAL A 184 17.10 -2.43 -17.65
C VAL A 184 17.24 -3.58 -16.64
N GLY A 185 17.37 -3.24 -15.37
CA GLY A 185 17.66 -4.23 -14.32
C GLY A 185 19.13 -4.59 -14.36
N GLU A 186 19.48 -5.61 -13.58
CA GLU A 186 20.86 -6.08 -13.41
C GLU A 186 21.64 -6.19 -14.68
N ARG A 187 21.00 -6.80 -15.68
CA ARG A 187 21.66 -7.15 -16.93
C ARG A 187 21.76 -5.95 -17.89
N GLY A 188 21.00 -4.87 -17.65
CA GLY A 188 20.98 -3.76 -18.60
C GLY A 188 21.39 -2.41 -18.04
N LEU A 189 20.74 -1.36 -18.52
CA LEU A 189 21.09 0.01 -18.15
C LEU A 189 20.66 0.29 -16.70
N LYS A 190 21.54 0.87 -15.87
CA LYS A 190 21.23 1.13 -14.46
C LYS A 190 20.34 2.40 -14.35
N LEU A 191 19.09 2.26 -13.91
CA LEU A 191 18.28 3.46 -13.63
C LEU A 191 18.83 4.24 -12.44
N SER A 192 18.74 5.57 -12.48
CA SER A 192 19.02 6.39 -11.30
C SER A 192 17.96 6.16 -10.22
N GLY A 193 18.31 6.53 -8.98
CA GLY A 193 17.40 6.47 -7.87
C GLY A 193 16.00 7.05 -8.19
N GLY A 194 15.98 8.20 -8.85
CA GLY A 194 14.74 8.92 -9.08
C GLY A 194 13.95 8.16 -10.11
N GLU A 195 14.65 7.68 -11.13
CA GLU A 195 14.02 6.92 -12.22
C GLU A 195 13.40 5.64 -11.74
N LYS A 196 14.11 4.98 -10.84
CA LYS A 196 13.67 3.67 -10.41
C LYS A 196 12.38 3.86 -9.61
N GLN A 197 12.36 4.91 -8.79
CA GLN A 197 11.19 5.15 -7.99
C GLN A 197 10.04 5.61 -8.87
N ARG A 198 10.30 6.41 -9.91
CA ARG A 198 9.22 6.76 -10.90
C ARG A 198 8.68 5.59 -11.75
N VAL A 199 9.49 4.53 -11.91
CA VAL A 199 8.96 3.30 -12.54
C VAL A 199 7.84 2.71 -11.66
N ALA A 200 8.06 2.66 -10.34
CA ALA A 200 7.05 2.12 -9.41
C ALA A 200 5.78 2.99 -9.47
N ILE A 201 6.00 4.29 -9.56
CA ILE A 201 4.92 5.23 -9.79
C ILE A 201 4.23 4.96 -11.13
N ALA A 202 4.99 4.93 -12.21
CA ALA A 202 4.41 4.66 -13.53
C ALA A 202 3.56 3.36 -13.48
N ARG A 203 4.01 2.34 -12.80
CA ARG A 203 3.25 1.09 -12.71
C ARG A 203 1.89 1.27 -12.10
N THR A 204 1.85 2.09 -11.06
CA THR A 204 0.65 2.38 -10.30
C THR A 204 -0.25 3.21 -11.19
N ILE A 205 0.32 4.24 -11.82
CA ILE A 205 -0.41 5.05 -12.78
C ILE A 205 -1.09 4.17 -13.82
N LEU A 206 -0.32 3.26 -14.40
CA LEU A 206 -0.86 2.37 -15.42
C LEU A 206 -2.01 1.57 -14.87
N LYS A 207 -1.89 1.14 -13.61
CA LYS A 207 -2.98 0.37 -13.02
C LYS A 207 -4.26 1.22 -12.87
N ALA A 208 -4.14 2.55 -12.72
CA ALA A 208 -5.33 3.42 -12.57
C ALA A 208 -6.25 2.84 -11.46
N PRO A 209 -5.65 2.47 -10.30
CA PRO A 209 -6.42 1.84 -9.24
C PRO A 209 -7.22 2.89 -8.44
N GLY A 210 -8.32 2.51 -7.79
CA GLY A 210 -9.12 3.45 -6.95
C GLY A 210 -8.55 3.60 -5.54
N ILE A 211 -7.72 2.63 -5.14
CA ILE A 211 -7.10 2.60 -3.84
C ILE A 211 -5.57 2.46 -4.03
N ILE A 212 -4.81 3.24 -3.27
CA ILE A 212 -3.36 3.13 -3.29
C ILE A 212 -2.83 2.78 -1.92
N LEU A 213 -2.09 1.69 -1.84
CA LEU A 213 -1.34 1.40 -0.62
C LEU A 213 0.15 1.70 -0.85
N LEU A 214 0.65 2.60 -0.02
CA LEU A 214 2.04 3.00 -0.06
CA LEU A 214 2.04 3.04 -0.04
C LEU A 214 2.75 2.53 1.22
N ASP A 215 3.91 1.93 1.04
CA ASP A 215 4.72 1.59 2.17
C ASP A 215 6.02 2.32 1.94
N GLU A 216 6.24 3.36 2.72
CA GLU A 216 7.37 4.28 2.50
C GLU A 216 8.72 3.62 2.81
N ALA A 217 9.74 3.87 1.99
CA ALA A 217 11.09 3.36 2.26
C ALA A 217 11.64 4.02 3.51
N THR A 218 12.50 3.31 4.20
CA THR A 218 13.25 3.90 5.30
C THR A 218 14.59 4.44 4.81
N SER A 219 14.93 4.25 3.55
CA SER A 219 16.06 4.97 2.99
C SER A 219 15.51 6.20 2.28
N ALA A 220 16.38 7.12 1.94
CA ALA A 220 15.97 8.39 1.33
C ALA A 220 17.00 8.79 0.33
N LEU A 221 16.57 9.51 -0.70
CA LEU A 221 17.49 10.07 -1.66
C LEU A 221 17.75 11.50 -1.21
N ASP A 222 18.39 12.30 -2.04
CA ASP A 222 18.59 13.73 -1.72
C ASP A 222 17.28 14.52 -1.65
N THR A 223 17.36 15.73 -1.09
CA THR A 223 16.22 16.60 -0.84
C THR A 223 15.40 16.81 -2.12
N SER A 224 16.11 17.24 -3.18
CA SER A 224 15.50 17.49 -4.49
CA SER A 224 15.49 17.50 -4.49
C SER A 224 14.69 16.28 -4.98
N ASN A 225 15.35 15.14 -5.11
CA ASN A 225 14.66 13.87 -5.39
C ASN A 225 13.54 13.48 -4.47
N GLU A 226 13.70 13.66 -3.16
CA GLU A 226 12.58 13.34 -2.26
C GLU A 226 11.38 14.26 -2.53
N ARG A 227 11.64 15.55 -2.78
CA ARG A 227 10.53 16.49 -3.00
C ARG A 227 9.85 16.21 -4.34
N ALA A 228 10.65 15.98 -5.38
CA ALA A 228 10.13 15.58 -6.67
C ALA A 228 9.30 14.31 -6.56
N ILE A 229 9.80 13.29 -5.86
CA ILE A 229 9.10 12.02 -5.81
C ILE A 229 7.80 12.21 -5.02
N GLN A 230 7.85 12.88 -3.87
CA GLN A 230 6.62 13.18 -3.12
C GLN A 230 5.62 13.99 -3.94
N ALA A 231 6.08 14.94 -4.75
CA ALA A 231 5.15 15.71 -5.55
C ALA A 231 4.40 14.81 -6.60
N SER A 232 5.13 13.92 -7.30
CA SER A 232 4.51 12.97 -8.24
C SER A 232 3.52 12.05 -7.52
N LEU A 233 3.93 11.47 -6.39
CA LEU A 233 3.08 10.57 -5.63
C LEU A 233 1.74 11.18 -5.28
N ALA A 234 1.76 12.48 -4.96
CA ALA A 234 0.55 13.18 -4.52
C ALA A 234 -0.34 13.47 -5.70
N LYS A 235 0.26 13.62 -6.88
CA LYS A 235 -0.51 13.67 -8.11
C LYS A 235 -1.18 12.34 -8.31
N VAL A 236 -0.44 11.25 -8.20
CA VAL A 236 -1.04 9.94 -8.44
C VAL A 236 -2.15 9.56 -7.41
N CYS A 237 -1.98 9.96 -6.14
CA CYS A 237 -2.93 9.67 -5.06
C CYS A 237 -4.11 10.59 -4.91
N ALA A 238 -4.08 11.74 -5.58
CA ALA A 238 -5.18 12.69 -5.53
C ALA A 238 -6.48 12.05 -5.99
N ASN A 239 -7.52 12.24 -5.20
CA ASN A 239 -8.82 11.62 -5.55
C ASN A 239 -8.78 10.09 -5.45
N ARG A 240 -7.75 9.56 -4.83
CA ARG A 240 -7.67 8.14 -4.61
C ARG A 240 -7.51 7.86 -3.15
N THR A 241 -8.31 6.93 -2.65
CA THR A 241 -8.22 6.54 -1.27
C THR A 241 -6.83 5.95 -1.04
N THR A 242 -6.08 6.53 -0.12
CA THR A 242 -4.71 6.12 0.05
C THR A 242 -4.47 5.72 1.52
N ILE A 243 -3.85 4.57 1.74
CA ILE A 243 -3.31 4.21 3.06
C ILE A 243 -1.78 4.11 3.01
N VAL A 244 -1.09 4.83 3.89
CA VAL A 244 0.33 4.87 3.80
C VAL A 244 0.97 4.49 5.13
N VAL A 245 1.89 3.53 5.07
CA VAL A 245 2.75 3.19 6.22
C VAL A 245 3.86 4.24 6.10
N ALA A 246 3.76 5.24 6.96
CA ALA A 246 4.52 6.49 6.77
C ALA A 246 5.83 6.49 7.56
N HIS A 247 6.90 6.93 6.91
CA HIS A 247 8.13 7.21 7.64
C HIS A 247 8.48 8.68 7.64
N ARG A 248 7.99 9.38 6.61
CA ARG A 248 8.35 10.80 6.40
C ARG A 248 7.41 11.67 7.19
N LEU A 249 7.97 12.62 7.94
CA LEU A 249 7.19 13.62 8.65
C LEU A 249 6.23 14.36 7.73
N SER A 250 6.72 14.77 6.57
CA SER A 250 5.86 15.48 5.63
C SER A 250 4.63 14.68 5.23
N THR A 251 4.75 13.34 5.12
CA THR A 251 3.61 12.52 4.72
C THR A 251 2.52 12.41 5.77
N VAL A 252 2.94 12.30 7.03
CA VAL A 252 2.03 12.30 8.19
C VAL A 252 1.31 13.63 8.30
N VAL A 253 2.07 14.72 8.18
CA VAL A 253 1.46 16.04 8.37
C VAL A 253 0.36 16.32 7.36
N ASN A 254 0.52 15.76 6.17
CA ASN A 254 -0.36 16.07 5.08
C ASN A 254 -1.57 15.10 4.98
N ALA A 255 -1.59 14.07 5.83
CA ALA A 255 -2.62 13.06 5.74
C ALA A 255 -3.95 13.65 6.23
N ASP A 256 -5.07 13.12 5.74
CA ASP A 256 -6.39 13.41 6.28
C ASP A 256 -6.61 12.84 7.68
N GLN A 257 -5.96 11.73 7.97
CA GLN A 257 -6.20 11.01 9.23
C GLN A 257 -4.91 10.26 9.55
N ILE A 258 -4.55 10.14 10.83
CA ILE A 258 -3.35 9.43 11.20
C ILE A 258 -3.84 8.39 12.22
N LEU A 259 -3.46 7.11 12.06
CA LEU A 259 -3.64 6.17 13.19
C LEU A 259 -2.30 5.92 13.85
N VAL A 260 -2.23 6.12 15.15
CA VAL A 260 -1.08 5.72 15.88
C VAL A 260 -1.33 4.34 16.37
N ILE A 261 -0.49 3.42 15.94
CA ILE A 261 -0.70 2.02 16.27
C ILE A 261 0.44 1.50 17.13
N LYS A 262 0.10 0.84 18.22
CA LYS A 262 1.10 0.23 19.09
C LYS A 262 0.63 -1.16 19.41
N ASP A 263 1.46 -2.16 19.11
CA ASP A 263 1.16 -3.56 19.48
C ASP A 263 -0.24 -4.03 18.98
N GLY A 264 -0.61 -3.67 17.77
CA GLY A 264 -1.91 -4.07 17.19
C GLY A 264 -3.15 -3.28 17.60
N CYS A 265 -3.01 -2.27 18.48
CA CYS A 265 -4.14 -1.48 18.90
CA CYS A 265 -4.12 -1.44 19.00
C CYS A 265 -3.98 -0.05 18.40
N ILE A 266 -5.09 0.55 17.98
CA ILE A 266 -4.99 1.93 17.57
C ILE A 266 -5.09 2.74 18.85
N VAL A 267 -4.02 3.40 19.24
CA VAL A 267 -4.03 4.09 20.53
C VAL A 267 -4.51 5.51 20.45
N GLU A 268 -4.40 6.12 19.27
CA GLU A 268 -4.97 7.43 19.08
C GLU A 268 -5.02 7.73 17.62
N ARG A 269 -5.83 8.73 17.26
CA ARG A 269 -6.04 9.05 15.88
C ARG A 269 -6.62 10.43 15.75
N GLY A 270 -6.36 11.05 14.59
CA GLY A 270 -6.87 12.36 14.22
C GLY A 270 -5.93 12.88 13.14
N ARG A 271 -6.17 14.10 12.72
CA ARG A 271 -5.24 14.85 11.84
C ARG A 271 -4.03 15.19 12.66
N HIS A 272 -2.96 15.54 11.98
CA HIS A 272 -1.72 15.93 12.62
C HIS A 272 -1.95 17.02 13.68
N GLU A 273 -2.69 18.10 13.38
CA GLU A 273 -2.76 19.23 14.31
C GLU A 273 -3.55 18.83 15.57
N ALA A 274 -4.59 18.02 15.36
CA ALA A 274 -5.46 17.52 16.43
C ALA A 274 -4.67 16.54 17.31
N LEU A 275 -3.81 15.71 16.73
CA LEU A 275 -2.93 14.85 17.57
C LEU A 275 -1.93 15.62 18.37
N LEU A 276 -1.47 16.74 17.81
CA LEU A 276 -0.54 17.57 18.54
C LEU A 276 -1.26 18.19 19.72
N SER A 277 -2.43 18.76 19.47
CA SER A 277 -3.02 19.50 20.50
C SER A 277 -3.59 18.52 21.57
N ARG A 278 -3.94 17.29 21.19
CA ARG A 278 -4.21 16.24 22.16
C ARG A 278 -3.06 16.07 23.20
N GLY A 279 -1.80 16.27 22.79
CA GLY A 279 -0.67 16.16 23.73
C GLY A 279 -0.47 14.73 24.25
N GLY A 280 -0.76 13.75 23.40
CA GLY A 280 -0.63 12.31 23.75
C GLY A 280 0.65 11.72 23.20
N VAL A 281 0.55 10.46 22.72
CA VAL A 281 1.73 9.71 22.23
C VAL A 281 2.31 10.37 20.98
N TYR A 282 1.42 10.70 20.05
CA TYR A 282 1.85 11.36 18.80
C TYR A 282 2.59 12.69 19.12
N ALA A 283 1.96 13.52 19.93
CA ALA A 283 2.57 14.78 20.38
C ALA A 283 3.93 14.53 21.05
N ASP A 284 4.05 13.49 21.87
CA ASP A 284 5.39 13.16 22.41
C ASP A 284 6.39 12.88 21.32
N MET A 285 5.96 12.12 20.30
CA MET A 285 6.83 11.73 19.23
C MET A 285 7.27 12.96 18.48
N TRP A 286 6.33 13.85 18.20
CA TRP A 286 6.60 15.08 17.50
C TRP A 286 7.53 15.95 18.30
N GLN A 287 7.37 15.94 19.60
CA GLN A 287 8.25 16.82 20.35
C GLN A 287 9.66 16.21 20.32
N LEU A 288 9.74 14.88 20.41
CA LEU A 288 11.03 14.19 20.36
C LEU A 288 11.77 14.46 19.05
N GLN A 289 11.09 14.36 17.92
CA GLN A 289 11.75 14.65 16.63
C GLN A 289 12.19 16.10 16.51
N GLN A 290 11.42 17.04 17.08
CA GLN A 290 11.79 18.45 17.00
C GLN A 290 13.12 18.72 17.71
N GLY A 291 13.29 18.14 18.90
CA GLY A 291 14.51 18.27 19.67
C GLY A 291 14.75 19.57 20.44
N GLN A 292 13.67 20.22 20.86
CA GLN A 292 13.72 21.41 21.75
C GLN A 292 14.86 21.23 22.75
PG ATP B . 7.71 -2.94 11.20
O1G ATP B . 7.48 -3.97 10.15
O2G ATP B . 8.26 -3.46 12.51
O3G ATP B . 8.37 -1.71 10.64
PB ATP B . 4.81 -2.74 11.11
O1B ATP B . 3.88 -2.19 12.14
O2B ATP B . 4.71 -2.46 9.65
O3B ATP B . 6.27 -2.41 11.73
PA ATP B . 4.03 -5.42 10.56
O1A ATP B . 4.72 -5.72 9.27
O2A ATP B . 2.58 -5.15 10.52
O3A ATP B . 4.83 -4.32 11.35
O5' ATP B . 4.25 -6.66 11.59
C5' ATP B . 3.42 -6.88 12.73
C4' ATP B . 4.13 -7.99 13.54
O4' ATP B . 3.87 -9.23 12.89
C3' ATP B . 5.64 -7.81 13.54
O3' ATP B . 6.23 -8.13 14.79
C2' ATP B . 6.16 -8.77 12.49
O2' ATP B . 7.52 -9.16 12.74
C1' ATP B . 5.10 -9.87 12.57
N9 ATP B . 4.89 -10.39 11.24
C8 ATP B . 4.83 -9.69 10.08
N7 ATP B . 4.66 -10.54 9.07
C5 ATP B . 4.59 -11.79 9.61
C6 ATP B . 4.39 -13.15 9.07
N6 ATP B . 4.22 -13.26 7.74
N1 ATP B . 4.36 -14.19 9.94
C2 ATP B . 4.54 -14.04 11.29
N3 ATP B . 4.72 -12.82 11.84
C4 ATP B . 4.74 -11.70 11.04
C1 BME C . 0.97 -5.72 0.29
C2 BME C . 1.40 -4.26 0.38
O1 BME C . 0.81 -6.06 -1.10
S2 BME C . 3.07 -3.99 1.08
C1 BME D . -0.05 11.78 -1.38
C2 BME D . 1.35 11.44 -0.88
O1 BME D . -0.98 11.98 -0.30
S2 BME D . 1.22 10.18 0.43
#